data_3M70
#
_entry.id   3M70
#
_cell.length_a   90.488
_cell.length_b   170.217
_cell.length_c   55.321
_cell.angle_alpha   90.00
_cell.angle_beta   90.00
_cell.angle_gamma   90.00
#
_symmetry.space_group_name_H-M   'C 2 2 21'
#
loop_
_entity.id
_entity.type
_entity.pdbx_description
1 polymer 'Tellurite resistance protein tehB homolog'
2 water water
#
_entity_poly.entity_id   1
_entity_poly.type   'polypeptide(L)'
_entity_poly.pdbx_seq_one_letter_code
;(MSE)KNELICYKQ(MSE)PVWTKDNLPQ(MSE)FQEKHNTKVGTWGKLTVLKGKLKFYELTENGDVIAEHIFTPESHIP
FVEPQAWHRVEALSDDLECTLGFYCKKEDYFSKKYNTTAIHGDVVDAAKIISPCKVLDLGCGQGRNSLYLSLLGYDVTSW
DHNENSIAFLNETKEKENLNISTALYDINAANIQENYDFIVSTVVF(MSE)FLNRERVPSIIKN(MSE)KEHTNVGGYNL
IVAA(MSE)STDDVPCPLPFSFTFAENELKEYYKDWEFLEYNEN(MSE)GELHKTDENGNRIK(MSE)KFAT(MSE)LAR
KK
;
_entity_poly.pdbx_strand_id   A
#
# COMPACT_ATOMS: atom_id res chain seq x y z
N LYS A 2 -17.31 8.22 -4.60
CA LYS A 2 -17.42 9.65 -4.25
C LYS A 2 -16.14 10.26 -3.66
N ASN A 3 -15.72 9.68 -2.54
CA ASN A 3 -14.54 10.06 -1.79
C ASN A 3 -13.38 9.04 -1.92
N GLU A 4 -13.41 8.22 -2.97
CA GLU A 4 -12.46 7.10 -3.04
C GLU A 4 -11.05 7.50 -3.48
N LEU A 5 -10.95 8.53 -4.31
CA LEU A 5 -9.67 8.98 -4.87
C LEU A 5 -9.04 10.12 -4.07
N ILE A 6 -7.72 10.09 -3.92
CA ILE A 6 -7.03 11.11 -3.19
C ILE A 6 -5.88 11.59 -4.10
N CYS A 7 -5.54 12.87 -4.02
CA CYS A 7 -4.50 13.46 -4.88
C CYS A 7 -3.13 13.12 -4.26
N TYR A 8 -2.25 12.52 -5.05
CA TYR A 8 -0.94 12.20 -4.56
C TYR A 8 0.16 13.09 -5.16
N LYS A 9 -0.17 13.87 -6.18
CA LYS A 9 0.80 14.77 -6.79
C LYS A 9 0.04 15.87 -7.51
N GLN A 10 0.37 17.11 -7.17
CA GLN A 10 -0.34 18.24 -7.74
C GLN A 10 0.67 19.13 -8.48
N PRO A 12 1.80 22.61 -10.69
CA PRO A 12 1.48 24.05 -10.73
C PRO A 12 0.80 24.41 -12.03
N VAL A 13 0.43 25.67 -12.19
CA VAL A 13 -0.26 26.09 -13.40
C VAL A 13 0.60 25.80 -14.61
N TRP A 14 -0.02 25.21 -15.62
CA TRP A 14 0.56 25.10 -16.96
C TRP A 14 -0.02 26.11 -17.94
N THR A 15 0.85 26.73 -18.74
CA THR A 15 0.45 27.73 -19.73
C THR A 15 0.64 27.14 -21.12
N LYS A 16 0.26 27.88 -22.16
CA LYS A 16 0.41 27.33 -23.50
C LYS A 16 1.88 27.00 -23.76
N ASP A 17 2.78 27.87 -23.31
CA ASP A 17 4.21 27.74 -23.56
C ASP A 17 4.94 26.75 -22.65
N ASN A 18 4.45 26.48 -21.46
CA ASN A 18 5.18 25.56 -20.59
C ASN A 18 4.48 24.25 -20.30
N LEU A 19 3.32 24.02 -20.90
CA LEU A 19 2.64 22.70 -20.83
C LEU A 19 3.66 21.68 -21.33
N PRO A 20 4.06 20.71 -20.50
CA PRO A 20 5.21 19.97 -21.02
C PRO A 20 4.92 19.14 -22.28
N GLN A 21 5.92 18.95 -23.13
CA GLN A 21 5.74 18.28 -24.43
C GLN A 21 5.18 16.85 -24.32
N PHE A 23 2.93 15.71 -22.49
CA PHE A 23 1.47 15.68 -22.36
C PHE A 23 0.78 16.01 -23.66
N GLN A 24 1.52 16.62 -24.58
CA GLN A 24 0.97 17.03 -25.88
C GLN A 24 1.17 15.93 -26.91
N GLU A 25 1.76 14.82 -26.50
CA GLU A 25 1.90 13.64 -27.35
C GLU A 25 1.13 12.47 -26.76
N LYS A 26 0.81 11.50 -27.62
CA LYS A 26 0.06 10.32 -27.20
C LYS A 26 0.68 9.70 -25.96
N HIS A 27 -0.08 9.55 -24.91
CA HIS A 27 0.42 8.96 -23.69
C HIS A 27 -0.74 8.48 -22.82
N ASN A 28 -0.42 7.73 -21.77
CA ASN A 28 -1.47 7.40 -20.80
C ASN A 28 -0.87 7.34 -19.39
N THR A 29 -1.71 7.32 -18.35
CA THR A 29 -1.18 7.16 -17.01
C THR A 29 -1.15 5.70 -16.62
N LYS A 30 -0.40 5.41 -15.57
CA LYS A 30 -0.24 4.06 -15.10
C LYS A 30 -1.51 3.51 -14.49
N VAL A 31 -1.58 2.19 -14.45
CA VAL A 31 -2.61 1.51 -13.73
C VAL A 31 -2.72 2.15 -12.36
N GLY A 32 -3.96 2.46 -11.96
CA GLY A 32 -4.21 3.06 -10.66
C GLY A 32 -4.01 4.56 -10.49
N THR A 33 -3.68 5.27 -11.59
CA THR A 33 -3.55 6.72 -11.55
C THR A 33 -4.61 7.38 -12.42
N TRP A 34 -5.38 8.28 -11.83
CA TRP A 34 -6.39 9.06 -12.53
C TRP A 34 -5.86 10.49 -12.63
N GLY A 35 -6.19 11.21 -13.70
CA GLY A 35 -5.72 12.61 -13.86
C GLY A 35 -6.90 13.55 -13.71
N LYS A 36 -6.75 14.62 -12.93
CA LYS A 36 -7.77 15.66 -12.85
C LYS A 36 -7.24 16.92 -13.48
N LEU A 37 -7.89 17.33 -14.58
CA LEU A 37 -7.55 18.54 -15.29
C LEU A 37 -8.50 19.62 -14.89
N THR A 38 -7.98 20.81 -14.62
CA THR A 38 -8.81 21.95 -14.29
C THR A 38 -8.36 23.09 -15.19
N VAL A 39 -9.31 23.69 -15.89
CA VAL A 39 -8.98 24.84 -16.74
C VAL A 39 -9.28 26.09 -15.96
N LEU A 40 -8.25 26.89 -15.78
CA LEU A 40 -8.37 28.10 -14.98
C LEU A 40 -8.68 29.32 -15.84
N LYS A 41 -8.11 29.35 -17.04
CA LYS A 41 -8.35 30.43 -17.96
C LYS A 41 -8.17 29.90 -19.36
N GLY A 42 -8.94 30.45 -20.31
CA GLY A 42 -8.78 30.12 -21.71
C GLY A 42 -9.38 28.80 -22.13
N LYS A 43 -8.81 28.17 -23.15
CA LYS A 43 -9.35 26.95 -23.71
C LYS A 43 -8.27 25.89 -23.94
N LEU A 44 -8.63 24.65 -23.64
CA LEU A 44 -7.71 23.50 -23.78
C LEU A 44 -8.35 22.54 -24.73
N LYS A 45 -7.57 21.93 -25.61
CA LYS A 45 -8.05 20.89 -26.46
C LYS A 45 -7.55 19.55 -25.95
N PHE A 46 -8.44 18.58 -25.94
CA PHE A 46 -8.18 17.25 -25.43
C PHE A 46 -8.55 16.21 -26.49
N TYR A 47 -7.62 15.33 -26.81
CA TYR A 47 -7.81 14.31 -27.84
C TYR A 47 -7.83 12.96 -27.15
N GLU A 48 -8.94 12.25 -27.29
CA GLU A 48 -9.01 10.86 -26.92
C GLU A 48 -8.45 10.04 -28.08
N LEU A 49 -7.58 9.08 -27.76
CA LEU A 49 -6.86 8.37 -28.79
C LEU A 49 -6.94 6.87 -28.62
N THR A 50 -6.72 6.12 -29.70
CA THR A 50 -6.42 4.72 -29.58
C THR A 50 -4.91 4.51 -29.33
N GLU A 51 -4.54 3.27 -29.01
CA GLU A 51 -3.14 2.93 -28.75
C GLU A 51 -2.24 3.29 -29.92
N ASN A 52 -2.80 3.34 -31.13
CA ASN A 52 -1.97 3.67 -32.28
C ASN A 52 -1.99 5.16 -32.64
N GLY A 53 -2.63 5.97 -31.81
CA GLY A 53 -2.63 7.42 -31.99
C GLY A 53 -3.73 8.00 -32.85
N ASP A 54 -4.67 7.17 -33.30
CA ASP A 54 -5.82 7.68 -34.03
C ASP A 54 -6.77 8.40 -33.08
N VAL A 55 -7.27 9.54 -33.53
CA VAL A 55 -8.16 10.37 -32.75
C VAL A 55 -9.55 9.77 -32.81
N ILE A 56 -10.11 9.51 -31.62
CA ILE A 56 -11.42 8.88 -31.38
C ILE A 56 -12.52 9.91 -31.06
N ALA A 57 -12.10 11.00 -30.41
CA ALA A 57 -12.98 12.11 -30.04
C ALA A 57 -12.11 13.30 -29.66
N GLU A 58 -12.62 14.50 -29.88
CA GLU A 58 -11.95 15.73 -29.45
C GLU A 58 -12.86 16.56 -28.57
N HIS A 59 -12.27 17.20 -27.57
CA HIS A 59 -13.00 18.08 -26.68
C HIS A 59 -12.31 19.43 -26.52
N ILE A 60 -13.12 20.47 -26.44
CA ILE A 60 -12.63 21.78 -26.03
C ILE A 60 -13.21 22.14 -24.67
N PHE A 61 -12.30 22.38 -23.74
CA PHE A 61 -12.69 22.69 -22.39
C PHE A 61 -12.31 24.11 -21.99
N THR A 62 -13.12 24.71 -21.13
CA THR A 62 -12.96 26.08 -20.63
C THR A 62 -13.10 26.05 -19.11
N PRO A 63 -12.95 27.19 -18.42
CA PRO A 63 -13.07 27.13 -16.97
C PRO A 63 -14.49 26.80 -16.49
N GLU A 64 -15.47 26.91 -17.39
CA GLU A 64 -16.84 26.55 -17.07
C GLU A 64 -17.11 25.05 -17.25
N SER A 65 -16.17 24.33 -17.84
CA SER A 65 -16.36 22.87 -18.08
C SER A 65 -16.10 22.10 -16.78
N HIS A 66 -16.72 20.94 -16.65
CA HIS A 66 -16.33 19.99 -15.60
C HIS A 66 -15.67 18.85 -16.32
N ILE A 67 -14.36 18.68 -16.23
CA ILE A 67 -13.70 17.68 -17.00
C ILE A 67 -13.66 16.41 -16.19
N PRO A 68 -14.24 15.30 -16.71
CA PRO A 68 -14.17 14.05 -15.95
C PRO A 68 -12.71 13.65 -15.73
N PHE A 69 -12.46 12.94 -14.64
CA PHE A 69 -11.13 12.34 -14.41
C PHE A 69 -10.68 11.61 -15.65
N VAL A 70 -9.43 11.78 -16.04
CA VAL A 70 -8.82 10.97 -17.06
C VAL A 70 -8.50 9.58 -16.47
N GLU A 71 -9.03 8.53 -17.08
CA GLU A 71 -8.89 7.17 -16.54
C GLU A 71 -7.49 6.59 -16.71
N PRO A 72 -7.10 5.71 -15.77
CA PRO A 72 -5.86 4.96 -15.93
C PRO A 72 -5.79 4.28 -17.28
N GLN A 73 -4.64 4.39 -17.90
CA GLN A 73 -4.33 3.66 -19.12
C GLN A 73 -5.04 4.20 -20.36
N ALA A 74 -5.86 5.23 -20.22
CA ALA A 74 -6.55 5.84 -21.39
C ALA A 74 -5.62 6.70 -22.23
N TRP A 75 -5.49 6.36 -23.51
CA TRP A 75 -4.57 7.06 -24.41
C TRP A 75 -5.13 8.41 -24.78
N HIS A 76 -4.32 9.46 -24.63
CA HIS A 76 -4.77 10.79 -24.95
C HIS A 76 -3.61 11.76 -25.16
N ARG A 77 -3.96 12.99 -25.55
CA ARG A 77 -3.02 14.09 -25.52
C ARG A 77 -3.80 15.41 -25.42
N VAL A 78 -3.15 16.46 -24.88
CA VAL A 78 -3.77 17.76 -24.73
C VAL A 78 -2.90 18.88 -25.27
N GLU A 79 -3.52 20.01 -25.54
CA GLU A 79 -2.75 21.19 -25.92
C GLU A 79 -3.62 22.42 -25.77
N ALA A 80 -2.95 23.57 -25.72
CA ALA A 80 -3.64 24.79 -25.49
C ALA A 80 -4.34 25.15 -26.78
N LEU A 81 -5.55 25.68 -26.68
CA LEU A 81 -6.21 26.23 -27.85
C LEU A 81 -6.08 27.74 -27.87
N SER A 82 -6.15 28.38 -26.70
CA SER A 82 -6.00 29.82 -26.59
C SER A 82 -4.61 30.18 -26.04
N ASP A 83 -4.06 31.32 -26.44
CA ASP A 83 -2.73 31.74 -25.95
C ASP A 83 -2.75 32.03 -24.46
N ASP A 84 -3.91 32.37 -23.93
CA ASP A 84 -4.02 32.71 -22.52
C ASP A 84 -4.33 31.49 -21.63
N LEU A 85 -4.14 30.31 -22.17
CA LEU A 85 -4.51 29.09 -21.43
C LEU A 85 -3.77 29.02 -20.11
N GLU A 86 -4.50 28.70 -19.05
CA GLU A 86 -3.91 28.33 -17.77
C GLU A 86 -4.70 27.14 -17.26
N CYS A 87 -3.99 26.07 -16.94
CA CYS A 87 -4.65 24.84 -16.41
C CYS A 87 -3.76 24.13 -15.38
N THR A 88 -4.35 23.24 -14.60
CA THR A 88 -3.54 22.43 -13.68
C THR A 88 -3.95 20.97 -13.84
N LEU A 89 -3.00 20.09 -13.51
CA LEU A 89 -3.20 18.65 -13.51
C LEU A 89 -2.80 18.12 -12.12
N GLY A 90 -3.70 17.37 -11.49
CA GLY A 90 -3.38 16.56 -10.29
C GLY A 90 -3.52 15.07 -10.62
N PHE A 91 -2.67 14.27 -9.98
CA PHE A 91 -2.72 12.82 -10.14
C PHE A 91 -3.34 12.24 -8.88
N TYR A 92 -4.27 11.30 -9.08
CA TYR A 92 -5.10 10.78 -8.00
C TYR A 92 -5.02 9.25 -7.98
N CYS A 93 -5.25 8.67 -6.81
CA CYS A 93 -5.23 7.25 -6.73
C CYS A 93 -6.08 6.83 -5.56
N LYS A 94 -6.27 5.55 -5.46
CA LYS A 94 -6.99 4.99 -4.32
C LYS A 94 -6.06 5.00 -3.11
N LYS A 95 -6.61 5.05 -1.90
CA LYS A 95 -5.77 5.17 -0.72
C LYS A 95 -4.85 3.94 -0.50
N GLU A 96 -5.25 2.75 -0.98
CA GLU A 96 -4.37 1.57 -0.91
C GLU A 96 -3.16 1.68 -1.76
N ASP A 97 -3.15 2.60 -2.72
CA ASP A 97 -1.99 2.84 -3.61
C ASP A 97 -1.18 4.13 -3.33
N TYR A 98 -1.64 4.93 -2.35
CA TYR A 98 -1.13 6.30 -2.17
C TYR A 98 0.34 6.32 -1.77
N PHE A 99 0.75 5.53 -0.80
CA PHE A 99 2.17 5.54 -0.42
C PHE A 99 3.10 5.00 -1.50
N SER A 100 2.67 3.99 -2.26
CA SER A 100 3.49 3.48 -3.35
C SER A 100 3.60 4.53 -4.42
N LYS A 101 2.46 5.14 -4.76
CA LYS A 101 2.44 6.15 -5.79
C LYS A 101 3.22 7.40 -5.38
N LYS A 102 3.07 7.84 -4.15
CA LYS A 102 3.71 9.11 -3.77
C LYS A 102 5.18 8.94 -3.33
N TYR A 103 5.45 7.86 -2.59
CA TYR A 103 6.77 7.63 -1.98
C TYR A 103 7.53 6.41 -2.51
N ASN A 104 6.91 5.63 -3.40
CA ASN A 104 7.50 4.40 -3.92
C ASN A 104 7.77 3.36 -2.83
N THR A 105 6.97 3.34 -1.78
CA THR A 105 7.04 2.23 -0.88
C THR A 105 6.57 0.98 -1.66
N THR A 106 6.96 -0.19 -1.17
CA THR A 106 6.46 -1.47 -1.68
C THR A 106 4.94 -1.53 -1.56
N ALA A 107 4.28 -2.04 -2.59
CA ALA A 107 2.83 -2.17 -2.60
C ALA A 107 2.36 -2.92 -1.36
N ILE A 108 1.22 -2.50 -0.80
CA ILE A 108 0.66 -3.17 0.37
C ILE A 108 -0.01 -4.51 -0.04
N HIS A 109 -0.07 -5.48 0.88
CA HIS A 109 -0.84 -6.73 0.66
C HIS A 109 -2.32 -6.46 0.58
N GLY A 110 -2.98 -7.08 -0.39
CA GLY A 110 -4.44 -7.07 -0.50
C GLY A 110 -5.09 -7.53 0.79
N ASP A 111 -4.41 -8.39 1.53
CA ASP A 111 -4.99 -8.89 2.77
C ASP A 111 -5.10 -7.79 3.83
N VAL A 112 -4.20 -6.80 3.82
CA VAL A 112 -4.28 -5.69 4.77
C VAL A 112 -5.48 -4.76 4.39
N VAL A 113 -5.63 -4.49 3.10
CA VAL A 113 -6.78 -3.75 2.59
C VAL A 113 -8.10 -4.46 2.93
N ASP A 114 -8.18 -5.77 2.66
CA ASP A 114 -9.40 -6.52 2.97
C ASP A 114 -9.69 -6.52 4.47
N ALA A 115 -8.65 -6.65 5.28
CA ALA A 115 -8.85 -6.66 6.72
C ALA A 115 -9.42 -5.33 7.21
N ALA A 116 -8.89 -4.23 6.68
CA ALA A 116 -9.35 -2.89 7.09
C ALA A 116 -10.84 -2.69 6.77
N LYS A 117 -11.31 -3.23 5.64
CA LYS A 117 -12.75 -3.17 5.32
C LYS A 117 -13.57 -3.79 6.43
N ILE A 118 -13.01 -4.82 7.05
CA ILE A 118 -13.73 -5.62 8.02
C ILE A 118 -13.53 -5.12 9.45
N ILE A 119 -12.32 -4.62 9.72
CA ILE A 119 -11.97 -4.15 11.05
C ILE A 119 -12.05 -2.64 10.95
N SER A 120 -12.84 -1.99 11.77
CA SER A 120 -12.90 -0.53 11.62
C SER A 120 -11.68 0.10 12.33
N PRO A 121 -11.49 1.41 12.15
CA PRO A 121 -10.32 2.00 12.76
C PRO A 121 -10.20 1.68 14.21
N CYS A 122 -8.98 1.37 14.64
CA CYS A 122 -8.75 0.94 16.00
C CYS A 122 -7.26 1.04 16.37
N LYS A 123 -6.91 0.55 17.55
CA LYS A 123 -5.53 0.58 18.00
C LYS A 123 -4.74 -0.61 17.44
N VAL A 124 -3.75 -0.29 16.60
CA VAL A 124 -2.98 -1.24 15.81
C VAL A 124 -1.50 -1.27 16.18
N LEU A 125 -0.93 -2.48 16.22
CA LEU A 125 0.52 -2.66 16.30
C LEU A 125 1.00 -3.31 15.02
N ASP A 126 1.93 -2.65 14.32
CA ASP A 126 2.55 -3.17 13.11
C ASP A 126 3.90 -3.74 13.59
N LEU A 127 3.92 -5.05 13.81
CA LEU A 127 5.02 -5.74 14.47
C LEU A 127 6.01 -6.22 13.42
N GLY A 128 7.03 -5.40 13.16
CA GLY A 128 7.93 -5.65 12.07
C GLY A 128 7.45 -4.90 10.85
N CYS A 129 7.58 -3.58 10.88
CA CYS A 129 6.88 -2.71 9.91
C CYS A 129 7.67 -2.36 8.68
N GLY A 130 8.96 -2.67 8.71
CA GLY A 130 9.88 -2.25 7.65
C GLY A 130 9.74 -0.77 7.48
N GLN A 131 9.65 -0.32 6.23
CA GLN A 131 9.54 1.10 5.93
C GLN A 131 8.18 1.67 6.31
N GLY A 132 7.22 0.79 6.58
CA GLY A 132 5.98 1.20 7.18
C GLY A 132 4.76 1.20 6.29
N ARG A 133 4.79 0.44 5.19
CA ARG A 133 3.68 0.47 4.25
C ARG A 133 2.35 0.18 4.89
N ASN A 134 2.31 -0.79 5.80
CA ASN A 134 1.04 -1.12 6.45
C ASN A 134 0.63 0.01 7.40
N SER A 135 1.62 0.53 8.11
CA SER A 135 1.39 1.52 9.18
C SER A 135 0.93 2.86 8.57
N LEU A 136 1.59 3.25 7.49
CA LEU A 136 1.23 4.48 6.79
C LEU A 136 -0.21 4.41 6.27
N TYR A 137 -0.54 3.34 5.54
CA TYR A 137 -1.89 3.12 5.07
C TYR A 137 -2.90 3.16 6.20
N LEU A 138 -2.69 2.38 7.24
CA LEU A 138 -3.71 2.35 8.28
C LEU A 138 -3.84 3.68 9.02
N SER A 139 -2.73 4.39 9.21
CA SER A 139 -2.77 5.67 9.88
C SER A 139 -3.55 6.68 9.01
N LEU A 140 -3.27 6.69 7.71
CA LEU A 140 -4.04 7.51 6.78
C LEU A 140 -5.57 7.27 6.89
N LEU A 141 -5.95 6.02 7.15
CA LEU A 141 -7.34 5.63 7.29
C LEU A 141 -7.93 5.85 8.67
N GLY A 142 -7.20 6.49 9.57
CA GLY A 142 -7.73 6.83 10.90
C GLY A 142 -7.45 5.85 12.02
N TYR A 143 -6.66 4.80 11.73
CA TYR A 143 -6.18 3.90 12.78
C TYR A 143 -5.16 4.57 13.68
N ASP A 144 -5.04 4.09 14.91
CA ASP A 144 -4.02 4.57 15.83
C ASP A 144 -2.88 3.55 15.94
N VAL A 145 -1.79 3.89 15.24
CA VAL A 145 -0.76 2.93 14.86
C VAL A 145 0.53 3.04 15.68
N THR A 146 1.04 1.88 16.05
CA THR A 146 2.33 1.76 16.68
C THR A 146 3.15 0.87 15.72
N SER A 147 4.39 1.25 15.45
CA SER A 147 5.17 0.62 14.40
C SER A 147 6.59 0.32 14.90
N TRP A 148 6.96 -0.96 14.93
CA TRP A 148 8.28 -1.38 15.47
C TRP A 148 9.09 -2.15 14.41
N ASP A 149 10.38 -1.85 14.34
CA ASP A 149 11.28 -2.58 13.43
C ASP A 149 12.70 -2.55 14.01
N HIS A 150 13.58 -3.43 13.57
CA HIS A 150 14.97 -3.32 14.05
C HIS A 150 15.82 -2.36 13.21
N ASN A 151 15.33 -1.97 12.04
CA ASN A 151 16.19 -1.28 11.07
C ASN A 151 16.10 0.26 11.20
N GLU A 152 17.24 0.86 11.50
CA GLU A 152 17.36 2.27 11.76
C GLU A 152 16.86 3.13 10.58
N ASN A 153 17.25 2.74 9.38
CA ASN A 153 16.95 3.51 8.18
C ASN A 153 15.47 3.40 7.80
N SER A 154 14.88 2.23 8.03
CA SER A 154 13.43 2.04 7.88
C SER A 154 12.61 2.89 8.83
N ILE A 155 12.95 2.90 10.11
CA ILE A 155 12.23 3.72 11.07
C ILE A 155 12.43 5.21 10.76
N ALA A 156 13.63 5.61 10.36
CA ALA A 156 13.87 7.00 9.93
C ALA A 156 12.98 7.39 8.74
N PHE A 157 12.81 6.48 7.78
CA PHE A 157 11.99 6.78 6.59
C PHE A 157 10.54 6.96 7.06
N LEU A 158 10.08 6.06 7.92
CA LEU A 158 8.75 6.14 8.44
C LEU A 158 8.51 7.44 9.21
N ASN A 159 9.47 7.83 10.05
CA ASN A 159 9.36 9.06 10.82
C ASN A 159 9.36 10.30 9.91
N GLU A 160 10.22 10.33 8.90
CA GLU A 160 10.22 11.47 7.98
C GLU A 160 8.88 11.53 7.23
N THR A 161 8.36 10.38 6.83
CA THR A 161 7.14 10.35 6.03
C THR A 161 5.90 10.73 6.84
N LYS A 162 5.81 10.25 8.09
CA LYS A 162 4.64 10.54 8.90
C LYS A 162 4.52 12.05 9.17
N GLU A 163 5.64 12.72 9.28
CA GLU A 163 5.65 14.16 9.48
C GLU A 163 5.14 14.92 8.25
N LYS A 164 5.56 14.51 7.05
CA LYS A 164 5.08 15.10 5.81
C LYS A 164 3.56 14.88 5.66
N GLU A 165 3.04 13.81 6.24
CA GLU A 165 1.68 13.43 5.98
C GLU A 165 0.74 13.70 7.16
N ASN A 166 1.24 14.34 8.21
CA ASN A 166 0.38 14.67 9.38
C ASN A 166 -0.19 13.44 10.05
N LEU A 167 0.63 12.41 10.17
CA LEU A 167 0.22 11.17 10.74
C LEU A 167 0.93 11.05 12.09
N ASN A 168 0.18 10.58 13.08
CA ASN A 168 0.68 10.38 14.42
C ASN A 168 0.87 8.89 14.61
N ILE A 169 2.11 8.44 14.56
CA ILE A 169 2.44 7.02 14.59
C ILE A 169 3.51 6.82 15.63
N SER A 170 3.31 5.90 16.56
CA SER A 170 4.31 5.68 17.57
C SER A 170 5.35 4.67 17.04
N THR A 171 6.59 5.09 16.81
CA THR A 171 7.59 4.21 16.21
C THR A 171 8.75 3.93 17.18
N ALA A 172 9.40 2.78 17.02
CA ALA A 172 10.52 2.40 17.90
C ALA A 172 11.39 1.37 17.21
N LEU A 173 12.69 1.41 17.52
CA LEU A 173 13.62 0.32 17.22
C LEU A 173 13.44 -0.77 18.27
N TYR A 174 13.34 -2.01 17.82
CA TYR A 174 12.93 -3.10 18.69
C TYR A 174 13.27 -4.45 18.07
N ASP A 175 13.69 -5.37 18.92
CA ASP A 175 13.93 -6.74 18.51
C ASP A 175 12.66 -7.58 18.68
N ILE A 176 12.00 -7.88 17.55
CA ILE A 176 10.74 -8.63 17.59
C ILE A 176 10.93 -9.96 18.29
N ASN A 177 12.14 -10.47 18.24
CA ASN A 177 12.48 -11.73 18.87
C ASN A 177 12.29 -11.72 20.39
N ALA A 178 12.29 -10.53 21.00
CA ALA A 178 12.24 -10.45 22.47
C ALA A 178 10.86 -10.80 23.06
N ALA A 179 9.82 -10.67 22.23
CA ALA A 179 8.46 -11.04 22.66
C ALA A 179 8.03 -10.26 23.90
N ASN A 180 8.32 -8.97 23.85
CA ASN A 180 8.06 -8.06 24.96
C ASN A 180 7.07 -6.96 24.58
N ILE A 181 5.97 -7.31 23.89
CA ILE A 181 4.90 -6.32 23.67
C ILE A 181 4.36 -5.93 25.04
N GLN A 182 4.02 -4.66 25.25
CA GLN A 182 3.68 -4.17 26.61
C GLN A 182 2.19 -3.91 26.74
N GLU A 183 1.69 -3.06 25.87
CA GLU A 183 0.29 -2.67 25.90
C GLU A 183 -0.56 -3.74 25.23
N ASN A 184 -1.87 -3.52 25.22
CA ASN A 184 -2.82 -4.33 24.47
C ASN A 184 -3.29 -3.62 23.21
N TYR A 185 -3.65 -4.41 22.19
CA TYR A 185 -4.01 -3.86 20.88
C TYR A 185 -5.28 -4.50 20.31
N ASP A 186 -5.97 -3.77 19.45
CA ASP A 186 -7.18 -4.27 18.81
C ASP A 186 -6.83 -5.06 17.57
N PHE A 187 -5.64 -4.80 17.04
CA PHE A 187 -5.22 -5.35 15.78
C PHE A 187 -3.68 -5.42 15.78
N ILE A 188 -3.16 -6.62 15.53
CA ILE A 188 -1.71 -6.76 15.33
C ILE A 188 -1.46 -7.32 13.94
N VAL A 189 -0.59 -6.66 13.18
CA VAL A 189 -0.32 -7.07 11.82
C VAL A 189 1.18 -7.33 11.69
N SER A 190 1.52 -8.38 10.96
CA SER A 190 2.90 -8.72 10.69
C SER A 190 2.96 -9.46 9.36
N THR A 191 3.36 -8.75 8.32
CA THR A 191 3.34 -9.29 6.97
C THR A 191 4.64 -9.02 6.21
N VAL A 192 5.67 -8.53 6.87
CA VAL A 192 6.84 -8.03 6.15
C VAL A 192 8.13 -8.79 6.53
N VAL A 193 8.28 -9.19 7.81
CA VAL A 193 9.57 -9.72 8.30
C VAL A 193 9.55 -11.08 9.05
N PHE A 194 8.48 -11.85 8.94
CA PHE A 194 8.42 -13.06 9.71
C PHE A 194 9.52 -14.07 9.33
N PHE A 196 12.50 -13.48 8.84
CA PHE A 196 13.78 -13.07 9.40
C PHE A 196 13.89 -13.39 10.86
N LEU A 197 12.83 -13.91 11.46
CA LEU A 197 12.84 -14.14 12.87
C LEU A 197 13.65 -15.39 13.20
N ASN A 198 14.09 -15.51 14.45
CA ASN A 198 14.75 -16.61 15.11
CA ASN A 198 14.76 -16.60 15.15
C ASN A 198 13.75 -17.73 15.36
N ARG A 199 13.99 -18.87 14.69
CA ARG A 199 13.10 -20.02 14.76
C ARG A 199 12.80 -20.37 16.21
N GLU A 200 13.81 -20.33 17.08
CA GLU A 200 13.64 -20.77 18.46
C GLU A 200 12.68 -19.87 19.21
N ARG A 201 12.48 -18.65 18.71
CA ARG A 201 11.74 -17.64 19.46
C ARG A 201 10.28 -17.51 18.99
N VAL A 202 9.95 -18.11 17.84
CA VAL A 202 8.61 -17.92 17.26
C VAL A 202 7.47 -18.29 18.23
N PRO A 203 7.59 -19.41 18.95
CA PRO A 203 6.57 -19.78 19.94
C PRO A 203 6.30 -18.68 20.95
N SER A 204 7.36 -18.02 21.42
CA SER A 204 7.19 -16.95 22.39
C SER A 204 6.60 -15.69 21.75
N ILE A 205 7.05 -15.37 20.56
CA ILE A 205 6.58 -14.17 19.87
C ILE A 205 5.07 -14.27 19.64
N ILE A 206 4.63 -15.42 19.12
CA ILE A 206 3.23 -15.61 18.87
C ILE A 206 2.41 -15.62 20.16
N LYS A 207 2.89 -16.33 21.18
CA LYS A 207 2.19 -16.34 22.45
C LYS A 207 2.02 -14.92 22.98
N ASN A 208 3.07 -14.12 22.87
CA ASN A 208 3.03 -12.73 23.33
C ASN A 208 2.04 -11.88 22.49
N LYS A 210 -0.62 -12.94 20.93
CA LYS A 210 -1.96 -13.39 21.30
C LYS A 210 -2.39 -12.81 22.63
N GLU A 211 -1.50 -12.84 23.62
CA GLU A 211 -1.79 -12.35 24.95
C GLU A 211 -2.07 -10.83 24.98
N HIS A 212 -1.49 -10.10 24.04
CA HIS A 212 -1.65 -8.64 24.02
C HIS A 212 -2.57 -8.16 22.92
N THR A 213 -3.43 -9.06 22.46
CA THR A 213 -4.58 -8.71 21.65
C THR A 213 -5.82 -8.77 22.54
N ASN A 214 -6.62 -7.71 22.52
CA ASN A 214 -7.90 -7.72 23.23
C ASN A 214 -8.81 -8.81 22.67
N VAL A 215 -9.65 -9.40 23.51
CA VAL A 215 -10.68 -10.27 22.98
C VAL A 215 -11.59 -9.44 22.07
N GLY A 216 -12.02 -10.05 20.97
CA GLY A 216 -12.73 -9.32 19.93
C GLY A 216 -11.74 -8.66 18.99
N GLY A 217 -10.45 -8.71 19.31
CA GLY A 217 -9.39 -8.11 18.45
C GLY A 217 -8.87 -9.13 17.45
N TYR A 218 -7.97 -8.70 16.55
CA TYR A 218 -7.56 -9.45 15.36
C TYR A 218 -6.04 -9.58 15.29
N ASN A 219 -5.56 -10.66 14.68
CA ASN A 219 -4.15 -10.77 14.29
C ASN A 219 -4.14 -11.13 12.81
N LEU A 220 -3.28 -10.43 12.06
CA LEU A 220 -3.08 -10.70 10.65
C LEU A 220 -1.61 -11.02 10.41
N ILE A 221 -1.34 -12.21 9.91
CA ILE A 221 0.02 -12.66 9.58
C ILE A 221 0.12 -13.16 8.14
N VAL A 222 1.14 -12.71 7.43
CA VAL A 222 1.52 -13.28 6.14
C VAL A 222 3.00 -13.64 6.26
N ALA A 223 3.34 -14.90 6.01
CA ALA A 223 4.68 -15.38 6.30
C ALA A 223 5.07 -16.51 5.35
N ALA A 224 6.33 -16.52 4.94
CA ALA A 224 6.81 -17.54 3.99
C ALA A 224 6.77 -18.92 4.64
N SER A 226 7.87 -23.38 3.96
CA SER A 226 8.71 -24.36 3.32
C SER A 226 8.03 -25.68 3.59
N THR A 227 7.68 -26.40 2.53
CA THR A 227 6.96 -27.65 2.66
C THR A 227 7.70 -28.70 1.88
N ASP A 228 7.20 -29.92 1.95
CA ASP A 228 7.82 -31.00 1.22
C ASP A 228 7.70 -30.78 -0.28
N ASP A 229 6.49 -30.45 -0.75
CA ASP A 229 6.31 -30.23 -2.17
C ASP A 229 6.91 -28.92 -2.62
N VAL A 230 6.98 -27.94 -1.71
CA VAL A 230 7.45 -26.61 -2.08
C VAL A 230 8.48 -26.10 -1.06
N PRO A 231 9.69 -26.66 -1.12
CA PRO A 231 10.78 -26.21 -0.24
C PRO A 231 11.14 -24.75 -0.55
N CYS A 232 11.39 -23.93 0.46
CA CYS A 232 11.65 -22.52 0.23
C CYS A 232 12.88 -22.31 -0.67
N PRO A 233 12.77 -21.48 -1.71
CA PRO A 233 13.89 -21.25 -2.64
C PRO A 233 14.99 -20.32 -2.10
N LEU A 234 14.79 -19.79 -0.90
CA LEU A 234 15.81 -18.97 -0.22
C LEU A 234 15.98 -19.50 1.20
N PRO A 235 17.19 -19.44 1.73
CA PRO A 235 17.33 -20.03 3.06
C PRO A 235 16.97 -19.04 4.18
N PHE A 236 15.69 -18.77 4.35
CA PHE A 236 15.24 -17.83 5.39
C PHE A 236 15.45 -18.39 6.80
N SER A 237 15.66 -17.52 7.79
CA SER A 237 15.90 -17.98 9.16
C SER A 237 14.64 -18.59 9.79
N PHE A 238 13.46 -18.24 9.26
CA PHE A 238 12.22 -18.91 9.68
C PHE A 238 11.19 -19.07 8.57
N THR A 239 10.67 -20.28 8.43
CA THR A 239 9.55 -20.53 7.52
C THR A 239 8.55 -21.44 8.19
N PHE A 240 7.27 -21.23 7.91
CA PHE A 240 6.23 -22.03 8.50
C PHE A 240 6.07 -23.31 7.71
N ALA A 241 5.69 -24.35 8.43
CA ALA A 241 5.31 -25.62 7.82
C ALA A 241 3.80 -25.64 7.55
N GLU A 242 3.42 -26.64 6.75
CA GLU A 242 2.03 -26.94 6.45
C GLU A 242 1.17 -26.99 7.72
N ASN A 243 0.13 -26.14 7.80
CA ASN A 243 -0.76 -26.08 8.97
C ASN A 243 -0.21 -25.56 10.30
N GLU A 244 1.06 -25.18 10.34
CA GLU A 244 1.67 -24.75 11.60
C GLU A 244 1.12 -23.38 12.09
N LEU A 245 0.90 -22.42 11.20
CA LEU A 245 0.31 -21.13 11.66
C LEU A 245 -1.12 -21.35 12.17
N LYS A 246 -1.91 -22.17 11.48
CA LYS A 246 -3.28 -22.40 11.92
C LYS A 246 -3.30 -23.04 13.32
N GLU A 247 -2.38 -23.95 13.56
CA GLU A 247 -2.30 -24.64 14.87
C GLU A 247 -1.95 -23.70 16.02
N TYR A 248 -1.11 -22.70 15.75
CA TYR A 248 -0.86 -21.65 16.76
C TYR A 248 -2.12 -20.90 17.14
N TYR A 249 -3.06 -20.80 16.20
CA TYR A 249 -4.28 -20.00 16.41
C TYR A 249 -5.56 -20.84 16.44
N LYS A 250 -5.43 -22.12 16.79
CA LYS A 250 -6.56 -23.05 16.72
C LYS A 250 -7.74 -22.63 17.62
N ASP A 251 -7.45 -21.87 18.66
CA ASP A 251 -8.48 -21.43 19.58
C ASP A 251 -9.08 -20.05 19.21
N TRP A 252 -8.61 -19.46 18.11
CA TRP A 252 -9.17 -18.21 17.63
C TRP A 252 -10.21 -18.50 16.54
N GLU A 253 -10.99 -17.49 16.15
CA GLU A 253 -11.88 -17.58 15.00
C GLU A 253 -11.14 -17.18 13.72
N PHE A 254 -11.26 -18.00 12.67
CA PHE A 254 -10.52 -17.74 11.44
C PHE A 254 -11.43 -17.08 10.43
N LEU A 255 -11.07 -15.86 10.05
CA LEU A 255 -11.81 -15.14 9.05
C LEU A 255 -11.18 -15.46 7.70
N GLU A 256 -9.86 -15.71 7.69
CA GLU A 256 -9.20 -16.14 6.47
C GLU A 256 -7.99 -16.98 6.84
N TYR A 257 -7.81 -18.08 6.13
CA TYR A 257 -6.62 -18.88 6.29
C TYR A 257 -6.33 -19.58 5.01
N ASN A 258 -5.16 -19.34 4.44
CA ASN A 258 -4.76 -20.05 3.24
C ASN A 258 -3.25 -20.24 3.20
N GLU A 259 -2.81 -21.26 2.48
CA GLU A 259 -1.40 -21.48 2.31
C GLU A 259 -1.05 -21.47 0.82
N ASN A 260 -1.67 -20.54 0.09
CA ASN A 260 -1.46 -20.39 -1.36
C ASN A 260 -0.05 -19.96 -1.79
N GLY A 262 2.52 -17.63 -3.69
CA GLY A 262 2.58 -16.19 -3.87
C GLY A 262 3.96 -15.88 -4.45
N GLU A 263 4.34 -14.61 -4.46
CA GLU A 263 5.58 -14.21 -5.11
C GLU A 263 6.20 -13.14 -4.30
N LEU A 264 7.51 -13.20 -4.08
CA LEU A 264 8.19 -12.07 -3.46
C LEU A 264 8.26 -10.98 -4.51
N HIS A 265 8.59 -9.77 -4.06
CA HIS A 265 8.84 -8.69 -5.01
C HIS A 265 10.23 -8.91 -5.62
N LYS A 266 11.15 -9.44 -4.81
CA LYS A 266 12.48 -9.83 -5.28
C LYS A 266 12.47 -10.80 -6.46
N THR A 267 13.49 -10.69 -7.32
CA THR A 267 13.48 -11.48 -8.55
C THR A 267 14.65 -12.43 -8.72
N ASP A 268 14.45 -13.41 -9.58
CA ASP A 268 15.55 -14.19 -10.10
C ASP A 268 15.88 -13.64 -11.49
N GLU A 269 17.05 -13.98 -12.00
CA GLU A 269 17.38 -13.68 -13.39
C GLU A 269 17.70 -14.99 -14.09
N ASN A 270 17.00 -15.31 -15.17
CA ASN A 270 15.84 -14.56 -15.68
C ASN A 270 15.65 -13.16 -15.08
N GLY A 271 14.44 -12.91 -14.59
CA GLY A 271 14.13 -11.66 -13.92
C GLY A 271 12.74 -11.78 -13.31
N ASN A 272 12.38 -13.01 -12.98
CA ASN A 272 11.02 -13.32 -12.55
C ASN A 272 10.90 -13.39 -11.04
N ARG A 273 9.82 -12.80 -10.53
CA ARG A 273 9.57 -12.81 -9.09
C ARG A 273 9.72 -14.23 -8.55
N ILE A 274 10.24 -14.35 -7.34
CA ILE A 274 10.51 -15.64 -6.74
C ILE A 274 9.23 -16.17 -6.11
N LYS A 275 8.87 -17.39 -6.46
CA LYS A 275 7.64 -18.02 -6.01
C LYS A 275 7.90 -18.91 -4.81
N LYS A 277 5.31 -20.77 -1.21
CA LYS A 277 4.07 -20.76 -0.48
C LYS A 277 4.12 -19.77 0.68
N PHE A 278 3.00 -19.10 0.92
CA PHE A 278 2.88 -18.19 2.05
C PHE A 278 1.67 -18.62 2.86
N ALA A 279 1.81 -18.55 4.17
CA ALA A 279 0.69 -18.72 5.06
C ALA A 279 0.12 -17.35 5.34
N THR A 280 -1.17 -17.20 5.05
CA THR A 280 -1.91 -15.97 5.27
C THR A 280 -3.07 -16.23 6.20
N LEU A 282 -6.01 -14.23 8.85
CA LEU A 282 -6.72 -13.21 9.64
C LEU A 282 -7.56 -13.95 10.66
N ALA A 283 -7.26 -13.74 11.92
CA ALA A 283 -7.98 -14.42 12.98
C ALA A 283 -8.46 -13.43 14.03
N ARG A 284 -9.58 -13.76 14.68
CA ARG A 284 -10.11 -12.94 15.75
C ARG A 284 -10.14 -13.67 17.10
N LYS A 285 -9.67 -13.00 18.14
CA LYS A 285 -9.61 -13.59 19.49
C LYS A 285 -11.01 -13.69 20.11
N LYS A 286 -11.41 -14.86 20.55
N LYS A 286 -11.38 -14.90 20.52
CA LYS A 286 -12.77 -15.03 21.08
CA LYS A 286 -12.69 -15.15 21.13
C LYS A 286 -12.92 -14.51 22.51
C LYS A 286 -12.66 -14.89 22.64
#